data_7O3A
#
_entry.id   7O3A
#
_cell.length_a   82.647
_cell.length_b   112.165
_cell.length_c   62.619
_cell.angle_alpha   90.000
_cell.angle_beta   90.000
_cell.angle_gamma   90.000
#
_symmetry.space_group_name_H-M   'C 2 2 21'
#
loop_
_entity.id
_entity.type
_entity.pdbx_description
1 polymer '14-3-3 protein sigma'
2 polymer 'Transcription factor p65'
3 non-polymer 'CHLORIDE ION'
4 non-polymer 1-[4-(hydroxymethyl)phenyl]sulfonylpiperidin-4-ol
5 non-polymer 'CALCIUM ION'
6 non-polymer GLYCEROL
7 non-polymer DI(HYDROXYETHYL)ETHER
8 water water
#
loop_
_entity_poly.entity_id
_entity_poly.type
_entity_poly.pdbx_seq_one_letter_code
_entity_poly.pdbx_strand_id
1 'polypeptide(L)'
;GAMGSMERASLIQKAKLAEQAERYEDMAAFMKGAVEKGEELS(CSO)EERNLLSVAYKNVVGGQRAAWRVLSSIEQKSNE
EGSEEKGPEVREYREKVETELQGVCDTVLGLLDSHLIKEAGDAESRVFYLKMKGDYYRYLAEVATGDDKKRIIDSARSAY
QEAMDISKKEMPPTNPIRLGLALNFSVFHYEIANSPEEAISLAKTTFDEAMADLHTLSEDSYKDSTLIMQLLRDNLTLWT
;
A
2 'polypeptide(L)' EGRSAG(SEP)IPGRRS P
#
# COMPACT_ATOMS: atom_id res chain seq x y z
N MET A 3 -15.43 -12.59 -12.46
CA MET A 3 -14.66 -13.14 -13.56
C MET A 3 -14.67 -14.64 -13.45
N GLY A 4 -15.75 -15.20 -12.89
CA GLY A 4 -15.78 -16.61 -12.54
C GLY A 4 -15.62 -17.56 -13.70
N SER A 5 -16.03 -17.16 -14.90
N SER A 5 -16.03 -17.13 -14.91
CA SER A 5 -15.92 -18.04 -16.05
CA SER A 5 -15.94 -17.98 -16.09
C SER A 5 -14.56 -17.95 -16.75
C SER A 5 -14.57 -17.94 -16.76
N MET A 6 -13.67 -17.05 -16.36
CA MET A 6 -12.36 -16.96 -17.00
C MET A 6 -11.31 -17.77 -16.28
N GLU A 7 -10.47 -18.46 -17.06
CA GLU A 7 -9.35 -19.21 -16.46
C GLU A 7 -8.44 -18.32 -15.64
N ARG A 8 -7.91 -18.87 -14.54
CA ARG A 8 -6.93 -18.15 -13.74
C ARG A 8 -5.78 -17.63 -14.61
N ALA A 9 -5.22 -18.49 -15.47
CA ALA A 9 -4.04 -18.08 -16.22
C ALA A 9 -4.40 -16.94 -17.18
N SER A 10 -5.62 -16.97 -17.72
CA SER A 10 -6.08 -15.91 -18.63
C SER A 10 -6.26 -14.59 -17.89
N LEU A 11 -6.76 -14.64 -16.65
CA LEU A 11 -6.88 -13.42 -15.84
C LEU A 11 -5.51 -12.81 -15.59
N ILE A 12 -4.51 -13.64 -15.26
CA ILE A 12 -3.17 -13.12 -15.01
C ILE A 12 -2.59 -12.51 -16.27
N GLN A 13 -2.76 -13.21 -17.40
CA GLN A 13 -2.27 -12.69 -18.67
C GLN A 13 -2.91 -11.36 -19.02
N LYS A 14 -4.23 -11.26 -18.82
CA LYS A 14 -4.93 -10.02 -19.11
C LYS A 14 -4.56 -8.91 -18.12
N ALA A 15 -4.26 -9.26 -16.86
CA ALA A 15 -3.78 -8.23 -15.93
C ALA A 15 -2.49 -7.62 -16.43
N LYS A 16 -1.59 -8.45 -16.96
CA LYS A 16 -0.33 -7.94 -17.52
C LYS A 16 -0.56 -7.07 -18.75
N LEU A 17 -1.52 -7.45 -19.59
CA LEU A 17 -1.85 -6.60 -20.75
C LEU A 17 -2.48 -5.28 -20.30
N ALA A 18 -3.35 -5.34 -19.30
CA ALA A 18 -3.98 -4.13 -18.81
C ALA A 18 -2.95 -3.17 -18.23
N GLU A 19 -1.91 -3.70 -17.57
CA GLU A 19 -0.88 -2.81 -17.06
C GLU A 19 -0.16 -2.11 -18.22
N GLN A 20 0.16 -2.86 -19.28
CA GLN A 20 0.83 -2.26 -20.42
C GLN A 20 -0.04 -1.20 -21.09
N ALA A 21 -1.36 -1.40 -21.09
CA ALA A 21 -2.30 -0.46 -21.67
C ALA A 21 -2.70 0.64 -20.70
N GLU A 22 -2.13 0.65 -19.48
CA GLU A 22 -2.46 1.63 -18.45
C GLU A 22 -3.95 1.64 -18.12
N ARG A 23 -4.56 0.44 -18.11
CA ARG A 23 -5.96 0.24 -17.79
C ARG A 23 -6.01 -0.38 -16.38
N TYR A 24 -5.82 0.47 -15.38
CA TYR A 24 -5.60 -0.07 -14.04
C TYR A 24 -6.86 -0.59 -13.37
N GLU A 25 -8.01 0.01 -13.66
N GLU A 25 -8.02 0.00 -13.66
CA GLU A 25 -9.26 -0.55 -13.16
CA GLU A 25 -9.26 -0.57 -13.14
C GLU A 25 -9.47 -1.96 -13.70
C GLU A 25 -9.48 -1.98 -13.70
N ASP A 26 -9.23 -2.17 -15.01
CA ASP A 26 -9.33 -3.52 -15.57
C ASP A 26 -8.32 -4.43 -14.89
N MET A 27 -7.09 -3.96 -14.74
CA MET A 27 -6.04 -4.75 -14.08
C MET A 27 -6.47 -5.23 -12.72
N ALA A 28 -7.02 -4.34 -11.93
CA ALA A 28 -7.46 -4.70 -10.61
C ALA A 28 -8.59 -5.72 -10.66
N ALA A 29 -9.54 -5.55 -11.59
CA ALA A 29 -10.62 -6.52 -11.71
C ALA A 29 -10.11 -7.90 -12.12
N PHE A 30 -9.16 -7.95 -13.05
CA PHE A 30 -8.58 -9.23 -13.43
C PHE A 30 -7.88 -9.88 -12.24
N MET A 31 -7.10 -9.10 -11.47
CA MET A 31 -6.40 -9.68 -10.32
C MET A 31 -7.34 -10.07 -9.19
N LYS A 32 -8.42 -9.33 -8.96
CA LYS A 32 -9.44 -9.77 -8.01
C LYS A 32 -10.01 -11.12 -8.43
N GLY A 33 -10.33 -11.26 -9.73
CA GLY A 33 -10.81 -12.54 -10.20
C GLY A 33 -9.79 -13.64 -9.97
N ALA A 34 -8.51 -13.35 -10.21
CA ALA A 34 -7.48 -14.36 -9.98
C ALA A 34 -7.41 -14.75 -8.51
N VAL A 35 -7.43 -13.79 -7.60
CA VAL A 35 -7.41 -14.12 -6.18
C VAL A 35 -8.60 -15.00 -5.83
N GLU A 36 -9.76 -14.68 -6.35
CA GLU A 36 -10.97 -15.40 -5.97
C GLU A 36 -11.01 -16.81 -6.52
N LYS A 37 -10.08 -17.20 -7.39
CA LYS A 37 -9.97 -18.60 -7.74
C LYS A 37 -9.56 -19.45 -6.55
N GLY A 38 -8.94 -18.86 -5.51
CA GLY A 38 -8.71 -19.54 -4.25
C GLY A 38 -7.34 -20.12 -4.12
N GLU A 39 -6.50 -20.08 -5.15
CA GLU A 39 -5.12 -20.53 -5.02
C GLU A 39 -4.26 -19.40 -4.45
N GLU A 40 -3.20 -19.77 -3.74
CA GLU A 40 -2.20 -18.78 -3.35
C GLU A 40 -1.61 -18.07 -4.57
N LEU A 41 -1.03 -16.88 -4.38
CA LEU A 41 -0.40 -16.09 -5.43
C LEU A 41 1.11 -16.22 -5.36
N SER A 42 1.74 -16.30 -6.48
CA SER A 42 3.20 -16.25 -6.59
C SER A 42 3.71 -14.83 -6.32
N GLU A 44 5.31 -12.79 -8.34
CA GLU A 44 4.93 -11.93 -9.44
C GLU A 44 3.44 -11.57 -9.42
N GLU A 45 2.61 -12.54 -9.09
CA GLU A 45 1.17 -12.29 -9.05
C GLU A 45 0.80 -11.35 -7.90
N ARG A 46 1.47 -11.47 -6.75
CA ARG A 46 1.24 -10.54 -5.64
C ARG A 46 1.58 -9.11 -6.07
N ASN A 47 2.67 -8.95 -6.83
CA ASN A 47 3.04 -7.64 -7.31
C ASN A 47 2.00 -7.11 -8.29
N LEU A 48 1.44 -7.97 -9.17
CA LEU A 48 0.40 -7.48 -10.06
C LEU A 48 -0.82 -7.00 -9.29
N LEU A 49 -1.25 -7.74 -8.28
CA LEU A 49 -2.38 -7.34 -7.47
C LEU A 49 -2.12 -5.99 -6.82
N SER A 50 -0.94 -5.84 -6.21
CA SER A 50 -0.58 -4.61 -5.52
C SER A 50 -0.49 -3.42 -6.47
N VAL A 51 0.17 -3.60 -7.61
CA VAL A 51 0.32 -2.50 -8.57
C VAL A 51 -1.06 -2.04 -9.05
N ALA A 52 -1.95 -2.99 -9.34
CA ALA A 52 -3.28 -2.64 -9.84
C ALA A 52 -4.02 -1.75 -8.87
N TYR A 53 -4.15 -2.21 -7.63
CA TYR A 53 -4.90 -1.46 -6.64
C TYR A 53 -4.20 -0.19 -6.22
N LYS A 54 -2.85 -0.18 -6.19
CA LYS A 54 -2.19 1.07 -5.82
C LYS A 54 -2.47 2.14 -6.84
N ASN A 55 -2.54 1.78 -8.10
CA ASN A 55 -2.86 2.75 -9.15
C ASN A 55 -4.30 3.20 -9.05
N VAL A 56 -5.24 2.29 -8.82
CA VAL A 56 -6.64 2.69 -8.72
C VAL A 56 -6.83 3.62 -7.54
N VAL A 57 -6.40 3.19 -6.35
N VAL A 57 -6.42 3.19 -6.34
CA VAL A 57 -6.62 4.01 -5.16
CA VAL A 57 -6.61 4.02 -5.16
C VAL A 57 -5.76 5.27 -5.21
C VAL A 57 -5.78 5.29 -5.25
N GLY A 58 -4.60 5.23 -5.89
CA GLY A 58 -3.79 6.44 -6.02
C GLY A 58 -4.51 7.53 -6.78
N GLY A 59 -5.21 7.17 -7.86
CA GLY A 59 -5.99 8.15 -8.58
C GLY A 59 -7.14 8.69 -7.74
N GLN A 60 -7.79 7.81 -6.97
CA GLN A 60 -8.90 8.28 -6.14
C GLN A 60 -8.40 9.23 -5.05
N ARG A 61 -7.26 8.89 -4.42
CA ARG A 61 -6.69 9.73 -3.36
C ARG A 61 -6.33 11.09 -3.91
N ALA A 62 -5.72 11.14 -5.09
CA ALA A 62 -5.36 12.43 -5.68
C ALA A 62 -6.59 13.25 -5.96
N ALA A 63 -7.67 12.63 -6.46
CA ALA A 63 -8.91 13.36 -6.70
C ALA A 63 -9.54 13.84 -5.40
N TRP A 64 -9.55 12.99 -4.38
CA TRP A 64 -10.10 13.36 -3.09
C TRP A 64 -9.36 14.55 -2.51
N ARG A 65 -8.04 14.58 -2.64
CA ARG A 65 -7.28 15.70 -2.10
C ARG A 65 -7.61 16.98 -2.84
N VAL A 66 -7.79 16.93 -4.15
CA VAL A 66 -8.18 18.12 -4.90
C VAL A 66 -9.51 18.64 -4.42
N LEU A 67 -10.48 17.73 -4.29
CA LEU A 67 -11.84 18.11 -3.87
C LEU A 67 -11.87 18.60 -2.44
N SER A 68 -11.14 17.92 -1.53
N SER A 68 -11.14 17.95 -1.52
CA SER A 68 -11.10 18.35 -0.13
CA SER A 68 -11.13 18.41 -0.14
C SER A 68 -10.49 19.74 0.00
C SER A 68 -10.52 19.78 -0.03
N SER A 69 -9.49 20.05 -0.82
CA SER A 69 -8.89 21.39 -0.78
C SER A 69 -9.88 22.44 -1.23
N ILE A 70 -10.62 22.17 -2.30
CA ILE A 70 -11.63 23.12 -2.77
C ILE A 70 -12.71 23.30 -1.71
N GLU A 71 -13.10 22.21 -1.06
CA GLU A 71 -14.15 22.26 -0.07
C GLU A 71 -13.71 23.09 1.14
N GLN A 72 -12.46 22.91 1.57
CA GLN A 72 -11.97 23.67 2.71
C GLN A 72 -11.88 25.16 2.39
N LYS A 73 -11.47 25.49 1.16
CA LYS A 73 -11.46 26.89 0.75
C LYS A 73 -12.86 27.50 0.75
N SER A 74 -13.86 26.74 0.29
CA SER A 74 -15.23 27.24 0.32
C SER A 74 -15.74 27.39 1.75
N ASN A 75 -15.09 26.74 2.72
CA ASN A 75 -15.48 26.83 4.12
C ASN A 75 -14.68 27.88 4.88
N GLU A 76 -14.20 28.93 4.21
CA GLU A 76 -13.34 29.92 4.85
C GLU A 76 -14.07 31.24 5.07
N GLY A 83 -23.11 26.26 -2.61
CA GLY A 83 -24.07 25.18 -2.44
C GLY A 83 -23.47 23.86 -2.00
N PRO A 84 -24.27 22.79 -2.04
CA PRO A 84 -23.81 21.49 -1.54
C PRO A 84 -22.90 20.73 -2.51
N GLU A 85 -22.59 21.22 -3.71
CA GLU A 85 -22.03 20.37 -4.76
C GLU A 85 -20.62 19.90 -4.46
N VAL A 86 -19.75 20.77 -3.94
CA VAL A 86 -18.36 20.34 -3.69
C VAL A 86 -18.35 19.23 -2.64
N ARG A 87 -19.07 19.44 -1.54
CA ARG A 87 -19.15 18.40 -0.51
C ARG A 87 -19.76 17.12 -1.07
N GLU A 88 -20.83 17.23 -1.86
CA GLU A 88 -21.48 16.04 -2.39
C GLU A 88 -20.50 15.26 -3.28
N TYR A 89 -19.76 15.98 -4.12
CA TYR A 89 -18.87 15.28 -5.04
C TYR A 89 -17.65 14.70 -4.31
N ARG A 90 -17.11 15.44 -3.32
CA ARG A 90 -16.05 14.88 -2.48
C ARG A 90 -16.54 13.62 -1.78
N GLU A 91 -17.78 13.64 -1.28
CA GLU A 91 -18.35 12.46 -0.63
C GLU A 91 -18.48 11.31 -1.61
N LYS A 92 -18.83 11.59 -2.86
CA LYS A 92 -18.97 10.53 -3.85
C LYS A 92 -17.61 9.86 -4.09
N VAL A 93 -16.58 10.66 -4.32
CA VAL A 93 -15.24 10.13 -4.53
C VAL A 93 -14.78 9.39 -3.29
N GLU A 94 -15.06 9.93 -2.10
CA GLU A 94 -14.64 9.30 -0.86
C GLU A 94 -15.27 7.92 -0.69
N THR A 95 -16.56 7.80 -1.01
CA THR A 95 -17.25 6.53 -0.89
C THR A 95 -16.65 5.51 -1.85
N GLU A 96 -16.32 5.94 -3.07
CA GLU A 96 -15.75 5.01 -4.03
CA GLU A 96 -15.73 5.04 -4.04
C GLU A 96 -14.36 4.56 -3.56
N LEU A 97 -13.57 5.50 -3.03
CA LEU A 97 -12.26 5.16 -2.47
C LEU A 97 -12.39 4.16 -1.32
N GLN A 98 -13.32 4.40 -0.41
CA GLN A 98 -13.53 3.48 0.70
C GLN A 98 -13.95 2.13 0.18
N GLY A 99 -14.74 2.10 -0.88
CA GLY A 99 -15.17 0.82 -1.42
C GLY A 99 -14.01 0.00 -2.00
N VAL A 100 -13.09 0.65 -2.71
CA VAL A 100 -11.91 -0.04 -3.20
C VAL A 100 -11.04 -0.54 -2.05
N CYS A 101 -10.83 0.29 -1.01
CA CYS A 101 -10.04 -0.16 0.11
C CYS A 101 -10.69 -1.36 0.77
N ASP A 102 -12.02 -1.32 0.97
CA ASP A 102 -12.76 -2.45 1.54
C ASP A 102 -12.62 -3.68 0.69
N THR A 103 -12.60 -3.52 -0.63
CA THR A 103 -12.45 -4.69 -1.51
C THR A 103 -11.10 -5.34 -1.31
N VAL A 104 -10.03 -4.54 -1.28
CA VAL A 104 -8.68 -5.09 -1.10
C VAL A 104 -8.58 -5.74 0.28
N LEU A 105 -9.07 -5.06 1.32
CA LEU A 105 -9.03 -5.65 2.65
C LEU A 105 -9.79 -6.96 2.69
N GLY A 106 -10.89 -7.03 1.94
CA GLY A 106 -11.67 -8.26 1.94
C GLY A 106 -10.94 -9.40 1.24
N LEU A 107 -10.18 -9.11 0.19
CA LEU A 107 -9.35 -10.14 -0.44
C LEU A 107 -8.28 -10.63 0.54
N LEU A 108 -7.69 -9.70 1.29
CA LEU A 108 -6.65 -10.11 2.22
C LEU A 108 -7.24 -10.95 3.34
N ASP A 109 -8.45 -10.63 3.79
CA ASP A 109 -9.10 -11.38 4.86
C ASP A 109 -9.73 -12.67 4.36
N SER A 110 -9.99 -12.82 3.08
CA SER A 110 -10.70 -13.98 2.54
C SER A 110 -10.06 -14.37 1.22
N HIS A 111 -8.92 -15.06 1.22
CA HIS A 111 -8.26 -15.64 2.38
C HIS A 111 -6.77 -15.54 2.25
N LEU A 112 -6.28 -14.44 1.65
CA LEU A 112 -4.85 -14.39 1.31
C LEU A 112 -3.94 -14.47 2.54
N ILE A 113 -4.24 -13.69 3.60
CA ILE A 113 -3.33 -13.68 4.75
C ILE A 113 -3.30 -15.03 5.44
N LYS A 114 -4.46 -15.61 5.68
CA LYS A 114 -4.46 -16.84 6.47
C LYS A 114 -3.77 -17.98 5.74
N GLU A 115 -3.73 -17.97 4.42
CA GLU A 115 -3.04 -19.02 3.71
C GLU A 115 -1.57 -18.71 3.50
N ALA A 116 -1.10 -17.53 3.87
CA ALA A 116 0.31 -17.14 3.64
C ALA A 116 1.19 -17.58 4.82
N GLY A 117 2.01 -18.58 4.60
CA GLY A 117 2.83 -19.16 5.64
C GLY A 117 4.27 -18.77 5.47
N ASP A 118 4.67 -18.46 4.24
CA ASP A 118 6.04 -18.08 4.15
C ASP A 118 6.14 -16.62 4.51
N ALA A 119 7.29 -16.24 5.05
CA ALA A 119 7.43 -14.88 5.54
C ALA A 119 7.27 -13.86 4.42
N GLU A 120 7.77 -14.17 3.21
CA GLU A 120 7.68 -13.21 2.11
C GLU A 120 6.23 -12.91 1.75
N SER A 121 5.41 -13.92 1.66
CA SER A 121 4.01 -13.66 1.33
C SER A 121 3.28 -12.99 2.47
N ARG A 122 3.50 -13.43 3.71
CA ARG A 122 2.75 -12.91 4.83
C ARG A 122 3.09 -11.45 5.08
N VAL A 123 4.37 -11.12 5.03
CA VAL A 123 4.77 -9.71 5.18
C VAL A 123 4.17 -8.86 4.06
N PHE A 124 4.21 -9.34 2.81
CA PHE A 124 3.69 -8.57 1.69
C PHE A 124 2.21 -8.23 1.95
N TYR A 125 1.42 -9.23 2.34
CA TYR A 125 0.00 -9.01 2.53
C TYR A 125 -0.31 -8.14 3.74
N LEU A 126 0.47 -8.28 4.83
CA LEU A 126 0.25 -7.46 6.00
C LEU A 126 0.64 -6.01 5.72
N LYS A 127 1.68 -5.79 4.91
CA LYS A 127 2.00 -4.43 4.46
C LYS A 127 0.82 -3.86 3.67
N MET A 128 0.25 -4.65 2.75
CA MET A 128 -0.93 -4.17 2.02
C MET A 128 -2.04 -3.81 2.99
N LYS A 129 -2.29 -4.66 3.97
CA LYS A 129 -3.35 -4.40 4.92
C LYS A 129 -3.12 -3.07 5.63
N GLY A 130 -1.88 -2.83 6.10
CA GLY A 130 -1.55 -1.55 6.70
C GLY A 130 -1.82 -0.38 5.77
N ASP A 131 -1.37 -0.50 4.51
CA ASP A 131 -1.54 0.58 3.54
C ASP A 131 -3.02 0.90 3.30
N TYR A 132 -3.87 -0.13 3.12
CA TYR A 132 -5.27 0.19 2.78
C TYR A 132 -6.03 0.69 4.00
N TYR A 133 -5.69 0.26 5.21
CA TYR A 133 -6.24 0.93 6.39
C TYR A 133 -5.71 2.35 6.49
N ARG A 134 -4.44 2.61 6.10
CA ARG A 134 -3.93 3.96 6.13
C ARG A 134 -4.71 4.85 5.14
N TYR A 135 -5.03 4.33 3.95
CA TYR A 135 -5.83 5.14 3.03
C TYR A 135 -7.24 5.39 3.58
N LEU A 136 -7.84 4.42 4.24
CA LEU A 136 -9.09 4.69 4.95
C LEU A 136 -8.90 5.78 6.00
N ALA A 137 -7.79 5.74 6.75
CA ALA A 137 -7.54 6.74 7.81
C ALA A 137 -7.39 8.13 7.23
N GLU A 138 -6.86 8.27 6.02
CA GLU A 138 -6.67 9.60 5.44
C GLU A 138 -8.01 10.34 5.29
N VAL A 139 -9.11 9.61 5.09
CA VAL A 139 -10.41 10.24 4.81
C VAL A 139 -11.35 10.10 5.99
N ALA A 140 -10.94 9.43 7.06
CA ALA A 140 -11.81 9.22 8.19
C ALA A 140 -11.78 10.40 9.14
N THR A 141 -12.86 10.56 9.90
CA THR A 141 -12.89 11.56 10.95
C THR A 141 -13.19 10.94 12.32
N GLY A 142 -12.79 11.66 13.37
CA GLY A 142 -13.32 11.37 14.70
C GLY A 142 -12.94 10.00 15.24
N ASP A 143 -13.92 9.31 15.83
CA ASP A 143 -13.65 8.08 16.55
C ASP A 143 -13.46 6.89 15.60
N ASP A 144 -14.20 6.82 14.50
CA ASP A 144 -13.89 5.76 13.57
C ASP A 144 -12.48 5.93 13.03
N LYS A 145 -11.99 7.17 12.94
CA LYS A 145 -10.59 7.37 12.62
C LYS A 145 -9.70 6.62 13.61
N LYS A 146 -10.01 6.70 14.91
CA LYS A 146 -9.16 6.02 15.89
C LYS A 146 -9.04 4.54 15.63
N ARG A 147 -10.17 3.85 15.40
CA ARG A 147 -10.10 2.40 15.26
C ARG A 147 -9.40 2.04 13.95
N ILE A 148 -9.62 2.83 12.89
CA ILE A 148 -8.98 2.56 11.61
C ILE A 148 -7.48 2.75 11.74
N ILE A 149 -7.05 3.81 12.42
CA ILE A 149 -5.64 4.04 12.69
C ILE A 149 -5.04 2.85 13.43
N ASP A 150 -5.74 2.33 14.43
CA ASP A 150 -5.19 1.20 15.14
C ASP A 150 -5.09 -0.05 14.28
N SER A 151 -6.06 -0.28 13.39
CA SER A 151 -5.98 -1.42 12.49
C SER A 151 -4.78 -1.28 11.56
N ALA A 152 -4.50 -0.08 11.06
CA ALA A 152 -3.31 0.08 10.21
C ALA A 152 -2.07 -0.22 11.02
N ARG A 153 -1.97 0.37 12.21
CA ARG A 153 -0.80 0.19 13.05
CA ARG A 153 -0.80 0.19 13.06
C ARG A 153 -0.56 -1.27 13.35
N SER A 154 -1.61 -2.00 13.69
CA SER A 154 -1.46 -3.40 14.08
C SER A 154 -0.98 -4.25 12.91
N ALA A 155 -1.51 -3.99 11.71
CA ALA A 155 -1.06 -4.73 10.54
C ALA A 155 0.41 -4.45 10.25
N TYR A 156 0.79 -3.17 10.22
CA TYR A 156 2.19 -2.84 9.98
C TYR A 156 3.09 -3.44 11.04
N GLN A 157 2.66 -3.41 12.31
CA GLN A 157 3.51 -3.92 13.39
C GLN A 157 3.73 -5.40 13.25
N GLU A 158 2.67 -6.16 12.94
CA GLU A 158 2.87 -7.59 12.74
C GLU A 158 3.81 -7.86 11.57
N ALA A 159 3.65 -7.12 10.48
CA ALA A 159 4.55 -7.26 9.34
C ALA A 159 5.99 -6.95 9.73
N MET A 160 6.18 -5.89 10.53
CA MET A 160 7.52 -5.50 10.97
C MET A 160 8.13 -6.62 11.81
N ASP A 161 7.35 -7.16 12.74
CA ASP A 161 7.89 -8.19 13.61
C ASP A 161 8.36 -9.40 12.81
N ILE A 162 7.56 -9.86 11.84
CA ILE A 162 7.96 -10.98 11.00
C ILE A 162 9.17 -10.61 10.17
N SER A 163 9.16 -9.41 9.57
CA SER A 163 10.25 -9.06 8.67
C SER A 163 11.59 -9.00 9.38
N LYS A 164 11.58 -8.52 10.63
CA LYS A 164 12.85 -8.37 11.34
C LYS A 164 13.38 -9.73 11.73
N LYS A 165 12.51 -10.71 11.96
CA LYS A 165 12.96 -12.05 12.30
C LYS A 165 13.36 -12.87 11.09
N GLU A 166 12.73 -12.66 9.93
CA GLU A 166 12.80 -13.60 8.82
C GLU A 166 13.45 -13.06 7.56
N MET A 167 13.68 -11.76 7.44
CA MET A 167 14.25 -11.20 6.22
C MET A 167 15.49 -10.39 6.54
N PRO A 168 16.45 -10.31 5.60
CA PRO A 168 17.62 -9.46 5.81
C PRO A 168 17.20 -8.00 5.75
N PRO A 169 17.99 -7.11 6.35
CA PRO A 169 17.61 -5.71 6.41
C PRO A 169 17.60 -5.02 5.08
N THR A 170 18.13 -5.62 4.01
CA THR A 170 18.09 -5.03 2.68
C THR A 170 16.91 -5.54 1.84
N ASN A 171 16.14 -6.49 2.36
CA ASN A 171 15.08 -7.05 1.52
C ASN A 171 14.13 -5.92 1.08
N PRO A 172 13.82 -5.80 -0.22
CA PRO A 172 13.02 -4.65 -0.68
C PRO A 172 11.64 -4.56 -0.03
N ILE A 173 11.00 -5.69 0.25
CA ILE A 173 9.69 -5.63 0.89
C ILE A 173 9.85 -5.16 2.33
N ARG A 174 10.86 -5.64 3.05
CA ARG A 174 11.13 -5.15 4.40
C ARG A 174 11.39 -3.66 4.39
N LEU A 175 12.15 -3.18 3.39
CA LEU A 175 12.44 -1.76 3.28
C LEU A 175 11.20 -0.95 2.97
N GLY A 176 10.40 -1.41 1.99
CA GLY A 176 9.18 -0.67 1.66
C GLY A 176 8.16 -0.67 2.78
N LEU A 177 8.07 -1.77 3.52
CA LEU A 177 7.22 -1.80 4.71
C LEU A 177 7.65 -0.75 5.71
N ALA A 178 8.95 -0.69 5.99
CA ALA A 178 9.44 0.30 6.95
C ALA A 178 9.21 1.73 6.45
N LEU A 179 9.44 1.97 5.15
CA LEU A 179 9.16 3.28 4.58
C LEU A 179 7.70 3.65 4.80
N ASN A 180 6.78 2.74 4.43
CA ASN A 180 5.36 3.09 4.52
C ASN A 180 4.91 3.22 5.97
N PHE A 181 5.43 2.40 6.86
CA PHE A 181 5.08 2.53 8.28
C PHE A 181 5.61 3.85 8.82
N SER A 182 6.79 4.29 8.34
CA SER A 182 7.29 5.58 8.78
C SER A 182 6.40 6.71 8.30
N VAL A 183 5.88 6.60 7.08
CA VAL A 183 4.89 7.58 6.58
C VAL A 183 3.64 7.55 7.42
N PHE A 184 3.14 6.37 7.75
CA PHE A 184 2.03 6.25 8.68
C PHE A 184 2.31 7.04 9.97
N HIS A 185 3.49 6.82 10.59
CA HIS A 185 3.79 7.53 11.84
C HIS A 185 3.76 9.04 11.61
N TYR A 186 4.34 9.51 10.50
CA TYR A 186 4.48 10.96 10.31
C TYR A 186 3.15 11.59 9.95
N GLU A 187 2.39 10.98 9.03
CA GLU A 187 1.25 11.64 8.41
C GLU A 187 -0.06 11.29 9.07
N ILE A 188 -0.18 10.13 9.71
CA ILE A 188 -1.44 9.62 10.23
C ILE A 188 -1.45 9.64 11.75
N ALA A 189 -0.37 9.13 12.36
CA ALA A 189 -0.35 8.93 13.79
C ALA A 189 0.19 10.12 14.56
N ASN A 190 0.57 11.20 13.89
CA ASN A 190 1.09 12.38 14.57
C ASN A 190 2.30 12.02 15.43
N SER A 191 3.17 11.16 14.91
CA SER A 191 4.38 10.71 15.63
C SER A 191 5.60 10.96 14.76
N PRO A 192 5.91 12.22 14.43
CA PRO A 192 7.05 12.47 13.54
C PRO A 192 8.37 11.94 14.09
N GLU A 193 8.59 11.98 15.39
CA GLU A 193 9.85 11.42 15.93
C GLU A 193 9.95 9.92 15.70
N GLU A 194 8.85 9.17 15.87
CA GLU A 194 8.87 7.74 15.57
C GLU A 194 9.13 7.50 14.09
N ALA A 195 8.57 8.34 13.24
CA ALA A 195 8.79 8.22 11.80
C ALA A 195 10.26 8.40 11.45
N ILE A 196 10.88 9.46 12.02
CA ILE A 196 12.29 9.74 11.74
C ILE A 196 13.16 8.62 12.30
N SER A 197 12.88 8.14 13.51
CA SER A 197 13.71 7.11 14.09
C SER A 197 13.62 5.83 13.26
N LEU A 198 12.41 5.45 12.85
CA LEU A 198 12.26 4.23 12.07
C LEU A 198 12.97 4.36 10.73
N ALA A 199 12.84 5.49 10.07
CA ALA A 199 13.50 5.64 8.77
C ALA A 199 15.02 5.61 8.91
N LYS A 200 15.56 6.29 9.93
CA LYS A 200 17.00 6.30 10.18
C LYS A 200 17.53 4.91 10.49
N THR A 201 16.93 4.20 11.43
CA THR A 201 17.41 2.87 11.78
C THR A 201 17.32 1.92 10.59
N THR A 202 16.22 1.99 9.85
CA THR A 202 16.07 1.14 8.66
C THR A 202 17.17 1.45 7.65
N PHE A 203 17.40 2.71 7.35
CA PHE A 203 18.42 3.09 6.38
C PHE A 203 19.78 2.56 6.84
N ASP A 204 20.13 2.78 8.11
CA ASP A 204 21.46 2.42 8.61
C ASP A 204 21.68 0.91 8.61
N GLU A 205 20.68 0.15 9.00
CA GLU A 205 20.84 -1.29 9.02
C GLU A 205 20.92 -1.85 7.60
N ALA A 206 20.20 -1.25 6.66
CA ALA A 206 20.34 -1.66 5.27
C ALA A 206 21.74 -1.34 4.74
N MET A 207 22.23 -0.13 5.01
CA MET A 207 23.54 0.25 4.50
C MET A 207 24.60 -0.74 4.93
N ALA A 208 24.54 -1.17 6.17
CA ALA A 208 25.51 -2.09 6.73
C ALA A 208 25.43 -3.50 6.15
N ASP A 209 24.36 -3.84 5.43
CA ASP A 209 24.17 -5.14 4.81
C ASP A 209 24.37 -5.11 3.30
N LEU A 210 24.59 -3.94 2.70
CA LEU A 210 24.73 -3.87 1.25
C LEU A 210 25.87 -4.74 0.72
N HIS A 211 26.93 -4.92 1.52
CA HIS A 211 28.12 -5.64 1.06
C HIS A 211 27.79 -7.08 0.69
N THR A 212 26.67 -7.61 1.16
CA THR A 212 26.30 -9.00 0.91
C THR A 212 25.61 -9.21 -0.41
N LEU A 213 25.25 -8.16 -1.11
CA LEU A 213 24.35 -8.21 -2.23
C LEU A 213 25.08 -8.25 -3.56
N SER A 214 24.46 -8.93 -4.52
CA SER A 214 24.83 -8.84 -5.92
C SER A 214 24.55 -7.44 -6.45
N GLU A 215 25.05 -7.17 -7.66
CA GLU A 215 24.83 -5.88 -8.30
C GLU A 215 23.34 -5.58 -8.48
N ASP A 216 22.56 -6.58 -8.91
CA ASP A 216 21.14 -6.35 -9.14
C ASP A 216 20.37 -6.14 -7.84
N SER A 217 20.66 -6.97 -6.82
CA SER A 217 20.01 -6.77 -5.53
C SER A 217 20.41 -5.44 -4.90
N TYR A 218 21.68 -5.04 -5.07
CA TYR A 218 22.13 -3.74 -4.58
C TYR A 218 21.30 -2.63 -5.17
N LYS A 219 21.03 -2.69 -6.50
CA LYS A 219 20.21 -1.65 -7.12
C LYS A 219 18.81 -1.63 -6.53
N ASP A 220 18.21 -2.82 -6.35
CA ASP A 220 16.85 -2.89 -5.78
C ASP A 220 16.82 -2.24 -4.38
N SER A 221 17.77 -2.60 -3.53
CA SER A 221 17.75 -2.11 -2.15
C SER A 221 18.06 -0.61 -2.09
N THR A 222 19.06 -0.15 -2.85
CA THR A 222 19.45 1.25 -2.75
C THR A 222 18.38 2.17 -3.28
N LEU A 223 17.57 1.69 -4.23
CA LEU A 223 16.48 2.53 -4.71
C LEU A 223 15.51 2.87 -3.59
N ILE A 224 15.18 1.90 -2.75
CA ILE A 224 14.24 2.20 -1.65
C ILE A 224 14.94 2.96 -0.56
N MET A 225 16.23 2.68 -0.33
CA MET A 225 16.94 3.46 0.68
C MET A 225 16.92 4.93 0.34
N GLN A 226 17.00 5.24 -0.97
CA GLN A 226 16.98 6.64 -1.36
C GLN A 226 15.65 7.29 -1.00
N LEU A 227 14.55 6.54 -1.10
CA LEU A 227 13.25 7.06 -0.67
C LEU A 227 13.23 7.34 0.83
N LEU A 228 13.84 6.45 1.63
CA LEU A 228 13.92 6.73 3.07
C LEU A 228 14.70 8.01 3.30
N ARG A 229 15.83 8.16 2.61
CA ARG A 229 16.65 9.38 2.75
C ARG A 229 15.88 10.62 2.29
N ASP A 230 15.10 10.50 1.22
CA ASP A 230 14.33 11.66 0.76
C ASP A 230 13.34 12.10 1.81
N ASN A 231 12.71 11.14 2.52
CA ASN A 231 11.80 11.53 3.58
C ASN A 231 12.55 12.14 4.73
N LEU A 232 13.67 11.54 5.13
CA LEU A 232 14.44 12.14 6.20
C LEU A 232 14.87 13.57 5.87
N THR A 233 15.24 13.83 4.62
CA THR A 233 15.63 15.18 4.23
C THR A 233 14.47 16.16 4.39
N LEU A 234 13.26 15.72 4.04
CA LEU A 234 12.09 16.58 4.20
C LEU A 234 11.71 16.76 5.66
N TRP A 235 11.93 15.75 6.51
CA TRP A 235 11.42 15.76 7.88
C TRP A 235 12.41 16.36 8.88
N THR A 236 13.68 16.53 8.49
CA THR A 236 14.67 16.98 9.44
C THR A 236 15.43 18.18 8.90
N ALA B 5 5.99 13.90 2.28
CA ALA B 5 6.63 12.59 2.52
C ALA B 5 6.13 11.58 1.51
N GLY B 6 7.04 10.75 1.01
CA GLY B 6 6.63 9.76 0.06
C GLY B 6 6.60 8.32 0.55
N ILE B 8 6.07 4.19 -0.84
CA ILE B 8 6.48 3.43 -2.02
C ILE B 8 5.55 3.85 -3.17
N PRO B 9 6.05 4.35 -4.31
CA PRO B 9 5.12 4.62 -5.42
C PRO B 9 4.28 3.39 -5.75
N GLY B 10 4.93 2.27 -6.02
CA GLY B 10 4.24 1.00 -6.09
C GLY B 10 3.30 0.88 -7.26
N ARG B 11 3.51 1.67 -8.31
CA ARG B 11 2.54 1.74 -9.40
C ARG B 11 3.05 1.12 -10.70
N ARG B 12 4.20 0.44 -10.69
CA ARG B 12 4.75 -0.20 -11.89
C ARG B 12 5.30 -1.58 -11.52
N SER B 13 4.88 -2.62 -12.24
CA SER B 13 5.31 -3.98 -11.92
C SER B 13 6.77 -4.20 -12.33
#